data_6A0B
#
_entry.id   6A0B
#
_cell.length_a   137.450
_cell.length_b   137.450
_cell.length_c   112.471
_cell.angle_alpha   90.00
_cell.angle_beta   90.00
_cell.angle_gamma   90.00
#
_symmetry.space_group_name_H-M   'I 4 2 2'
#
loop_
_entity.id
_entity.type
_entity.pdbx_description
1 polymer '4-hydroxymandelate oxidase'
2 non-polymer 'FLAVIN MONONUCLEOTIDE'
3 non-polymer '(2R)-3,3,3-trifluoro-2-hydroxypropanoic acid'
4 water water
#
_entity_poly.entity_id   1
_entity_poly.type   'polypeptide(L)'
_entity_poly.pdbx_seq_one_letter_code
;MGSSHHHHHHSSGLVPRGSHMTYVSLADLERAARDVLPGEIFDFLAGGSGTEASLVANRTALERVFVIPRMLRDLTDVTT
EIDIFGRRAALPMAVAPVAYQRLFHPEGELAVARAARDAGVPYTICTLSSVSLEEIAAVGGRPWFQLFWLRDEKRSLDLV
RRAEDAGCEAIVFTVDVPWMGRRLRDMRNGFALPEWVTAANFDAGTAAHRRTQGVSAVADHTAREFAPATWESVEAVRAH
TDLPVVLKGILAVEDARRAVDAGAGGIVVSNHGGRQLDGAVPGIEMLGEIVAAVSGGCEVLVDGGIRSGGDVLKATALGA
SAVLVGRPVMWALAAAGQDGVRQLLELLAEEVRDAMGLAGCESVGAARRLNTKLGVV
;
_entity_poly.pdbx_strand_id   A
#
loop_
_chem_comp.id
_chem_comp.type
_chem_comp.name
_chem_comp.formula
9O0 non-polymer '(2R)-3,3,3-trifluoro-2-hydroxypropanoic acid' 'C3 H3 F3 O3'
FMN non-polymer 'FLAVIN MONONUCLEOTIDE' 'C17 H21 N4 O9 P'
#
# COMPACT_ATOMS: atom_id res chain seq x y z
N TYR A 23 6.21 1.39 21.98
CA TYR A 23 5.37 2.18 21.05
C TYR A 23 3.94 1.69 21.23
N VAL A 24 2.99 2.56 21.54
CA VAL A 24 1.61 2.08 21.81
C VAL A 24 0.62 2.54 20.72
N SER A 25 1.12 3.38 19.79
CA SER A 25 0.41 3.82 18.58
C SER A 25 1.42 4.09 17.43
N LEU A 26 0.90 4.10 16.21
CA LEU A 26 1.71 4.39 15.03
C LEU A 26 2.23 5.75 15.11
N ALA A 27 1.54 6.64 15.83
CA ALA A 27 2.04 8.03 15.97
C ALA A 27 3.29 8.16 16.86
N ASP A 28 3.52 7.25 17.79
CA ASP A 28 4.82 7.27 18.50
C ASP A 28 6.01 7.06 17.51
N LEU A 29 5.81 6.25 16.48
CA LEU A 29 6.92 6.02 15.53
C LEU A 29 7.22 7.24 14.66
N GLU A 30 6.19 8.04 14.30
CA GLU A 30 6.45 9.21 13.46
C GLU A 30 7.40 10.13 14.21
N ARG A 31 7.17 10.31 15.53
CA ARG A 31 7.97 11.25 16.37
C ARG A 31 9.43 10.76 16.37
N ALA A 32 9.58 9.47 16.53
CA ALA A 32 10.90 8.87 16.55
C ALA A 32 11.60 9.02 15.20
N ALA A 33 10.85 8.85 14.09
CA ALA A 33 11.50 8.99 12.78
C ALA A 33 11.89 10.43 12.51
N ARG A 34 11.06 11.36 12.93
CA ARG A 34 11.38 12.75 12.69
C ARG A 34 12.66 13.16 13.48
N ASP A 35 12.82 12.62 14.68
CA ASP A 35 14.05 12.87 15.45
C ASP A 35 15.30 12.44 14.72
N VAL A 36 15.30 11.24 14.14
CA VAL A 36 16.52 10.69 13.52
C VAL A 36 16.83 11.06 12.08
N LEU A 37 15.82 11.26 11.21
CA LEU A 37 16.12 11.46 9.82
C LEU A 37 16.55 12.89 9.54
N PRO A 38 17.45 13.08 8.59
CA PRO A 38 17.74 14.40 8.06
C PRO A 38 16.43 15.04 7.55
N GLY A 39 16.24 16.34 7.79
CA GLY A 39 15.00 17.01 7.39
C GLY A 39 14.57 16.76 5.93
N GLU A 40 15.48 16.74 4.99
CA GLU A 40 15.07 16.64 3.62
C GLU A 40 14.57 15.23 3.32
N ILE A 41 15.10 14.23 4.04
CA ILE A 41 14.63 12.86 3.86
C ILE A 41 13.29 12.69 4.52
N PHE A 42 13.10 13.27 5.71
CA PHE A 42 11.81 13.24 6.35
C PHE A 42 10.78 13.90 5.40
N ASP A 43 11.14 15.00 4.76
CA ASP A 43 10.20 15.67 3.87
C ASP A 43 9.93 14.86 2.62
N PHE A 44 10.93 14.15 2.03
CA PHE A 44 10.71 13.24 0.88
C PHE A 44 9.61 12.21 1.29
N LEU A 45 9.72 11.69 2.49
CA LEU A 45 8.77 10.70 3.02
C LEU A 45 7.39 11.26 3.33
N ALA A 46 7.33 12.36 4.04
CA ALA A 46 6.06 12.90 4.56
C ALA A 46 5.26 13.63 3.50
N GLY A 47 5.97 14.26 2.59
CA GLY A 47 5.35 15.24 1.68
C GLY A 47 4.38 14.68 0.64
N GLY A 48 3.63 15.64 0.06
CA GLY A 48 2.75 15.35 -1.07
C GLY A 48 2.98 16.35 -2.15
N SER A 49 2.12 16.34 -3.18
CA SER A 49 2.26 17.26 -4.29
C SER A 49 1.51 18.56 -4.00
N GLY A 50 1.91 19.62 -4.70
CA GLY A 50 1.17 20.87 -4.58
C GLY A 50 1.01 21.46 -3.20
N THR A 51 -0.21 21.84 -2.84
CA THR A 51 -0.51 22.34 -1.53
C THR A 51 -0.74 21.25 -0.48
N GLU A 52 -0.61 19.98 -0.88
CA GLU A 52 -0.81 18.82 0.01
C GLU A 52 -2.24 18.70 0.46
N ALA A 53 -3.16 19.18 -0.39
CA ALA A 53 -4.58 19.03 -0.09
C ALA A 53 -5.03 17.56 -0.05
N SER A 54 -4.51 16.75 -0.97
CA SER A 54 -4.92 15.35 -1.06
C SER A 54 -4.31 14.55 0.09
N LEU A 55 -3.10 14.91 0.43
CA LEU A 55 -2.43 14.31 1.62
C LEU A 55 -3.24 14.48 2.88
N VAL A 56 -3.65 15.71 3.13
CA VAL A 56 -4.44 16.02 4.32
C VAL A 56 -5.82 15.36 4.22
N ALA A 57 -6.40 15.38 3.00
CA ALA A 57 -7.75 14.81 2.88
C ALA A 57 -7.81 13.30 3.12
N ASN A 58 -6.70 12.60 2.88
CA ASN A 58 -6.67 11.17 3.18
C ASN A 58 -7.01 10.95 4.64
N ARG A 59 -6.43 11.78 5.50
CA ARG A 59 -6.70 11.67 6.93
C ARG A 59 -8.06 12.14 7.29
N THR A 60 -8.47 13.29 6.79
N THR A 60 -8.49 13.27 6.78
CA THR A 60 -9.80 13.81 7.08
CA THR A 60 -9.79 13.80 7.16
C THR A 60 -10.87 12.83 6.72
C THR A 60 -10.95 12.92 6.66
N ALA A 61 -10.75 12.24 5.54
CA ALA A 61 -11.74 11.28 5.05
C ALA A 61 -11.89 10.10 5.96
N LEU A 62 -10.81 9.55 6.52
CA LEU A 62 -10.91 8.46 7.44
C LEU A 62 -11.49 8.90 8.76
N GLU A 63 -11.14 10.08 9.21
CA GLU A 63 -11.64 10.57 10.49
C GLU A 63 -13.14 10.78 10.52
N ARG A 64 -13.76 11.01 9.35
CA ARG A 64 -15.18 11.25 9.29
C ARG A 64 -15.99 9.96 9.29
N VAL A 65 -15.35 8.81 9.10
CA VAL A 65 -16.05 7.53 8.99
C VAL A 65 -16.18 6.94 10.40
N PHE A 66 -17.39 6.57 10.84
CA PHE A 66 -17.55 5.90 12.09
C PHE A 66 -18.11 4.52 11.81
N VAL A 67 -17.67 3.54 12.58
CA VAL A 67 -18.17 2.16 12.44
C VAL A 67 -19.39 1.93 13.35
N ILE A 68 -20.35 1.15 12.91
CA ILE A 68 -21.48 0.69 13.72
C ILE A 68 -21.18 -0.72 14.15
N PRO A 69 -20.63 -0.90 15.37
CA PRO A 69 -20.23 -2.23 15.77
C PRO A 69 -21.39 -3.13 16.13
N ARG A 70 -21.20 -4.43 16.00
CA ARG A 70 -22.15 -5.41 16.40
C ARG A 70 -21.72 -6.04 17.74
N MET A 71 -22.70 -6.44 18.52
CA MET A 71 -22.42 -7.01 19.84
C MET A 71 -22.94 -8.44 19.91
N LEU A 72 -22.38 -9.14 20.90
CA LEU A 72 -22.94 -10.41 21.39
C LEU A 72 -22.80 -11.53 20.34
N ARG A 73 -21.78 -11.40 19.48
CA ARG A 73 -21.41 -12.47 18.53
C ARG A 73 -20.32 -13.38 19.14
N ASP A 74 -20.22 -14.58 18.58
CA ASP A 74 -19.18 -15.51 19.02
C ASP A 74 -17.82 -15.03 18.64
N LEU A 75 -16.95 -14.92 19.61
CA LEU A 75 -15.60 -14.45 19.39
C LEU A 75 -14.59 -15.49 19.90
N THR A 76 -14.97 -16.75 19.83
CA THR A 76 -14.11 -17.79 20.42
C THR A 76 -12.81 -17.91 19.66
N ASP A 77 -12.87 -17.70 18.36
CA ASP A 77 -11.66 -17.84 17.49
C ASP A 77 -11.59 -16.67 16.50
N VAL A 78 -11.35 -15.48 16.99
CA VAL A 78 -11.21 -14.32 16.11
C VAL A 78 -9.96 -14.56 15.25
N THR A 79 -10.10 -14.37 13.96
CA THR A 79 -8.97 -14.50 13.04
C THR A 79 -8.90 -13.27 12.17
N THR A 80 -7.68 -12.73 12.06
CA THR A 80 -7.45 -11.56 11.18
C THR A 80 -6.94 -11.98 9.81
N GLU A 81 -6.89 -13.30 9.50
CA GLU A 81 -6.29 -13.76 8.26
C GLU A 81 -7.18 -13.51 7.07
N ILE A 82 -6.55 -13.36 5.91
CA ILE A 82 -7.30 -13.36 4.65
C ILE A 82 -6.58 -14.25 3.65
N ASP A 83 -7.29 -14.69 2.63
CA ASP A 83 -6.67 -15.30 1.44
C ASP A 83 -6.68 -14.29 0.33
N ILE A 84 -5.50 -14.00 -0.23
CA ILE A 84 -5.42 -13.02 -1.31
C ILE A 84 -4.36 -13.45 -2.33
N PHE A 85 -4.72 -13.37 -3.59
CA PHE A 85 -3.74 -13.75 -4.68
C PHE A 85 -3.14 -15.11 -4.44
N GLY A 86 -3.96 -16.02 -3.93
CA GLY A 86 -3.59 -17.40 -3.70
C GLY A 86 -2.77 -17.68 -2.47
N ARG A 87 -2.63 -16.73 -1.56
CA ARG A 87 -1.84 -16.99 -0.37
C ARG A 87 -2.57 -16.46 0.87
N ARG A 88 -2.29 -17.06 2.00
CA ARG A 88 -2.90 -16.66 3.24
C ARG A 88 -2.07 -15.56 3.77
N ALA A 89 -2.65 -14.45 4.18
CA ALA A 89 -1.92 -13.37 4.84
C ALA A 89 -2.41 -13.27 6.28
N ALA A 90 -1.54 -12.84 7.19
CA ALA A 90 -1.87 -12.78 8.62
C ALA A 90 -2.86 -11.70 9.00
N LEU A 91 -2.92 -10.67 8.17
CA LEU A 91 -3.77 -9.49 8.41
C LEU A 91 -4.29 -9.08 7.04
N PRO A 92 -5.33 -8.25 6.97
CA PRO A 92 -5.81 -7.70 5.68
C PRO A 92 -5.02 -6.44 5.32
N MET A 93 -3.71 -6.63 5.17
CA MET A 93 -2.76 -5.55 5.03
CA MET A 93 -2.78 -5.54 4.98
C MET A 93 -1.54 -6.05 4.28
N ALA A 94 -0.95 -5.17 3.49
CA ALA A 94 0.40 -5.39 2.92
C ALA A 94 1.18 -4.10 3.07
N VAL A 95 2.52 -4.22 3.00
CA VAL A 95 3.38 -3.09 2.98
C VAL A 95 3.32 -2.45 1.58
N ALA A 96 2.99 -1.14 1.52
CA ALA A 96 2.89 -0.47 0.24
C ALA A 96 4.27 -0.36 -0.40
N PRO A 97 4.31 -0.26 -1.73
CA PRO A 97 5.56 0.09 -2.43
C PRO A 97 6.02 1.48 -2.02
N VAL A 98 7.29 1.60 -1.56
CA VAL A 98 7.88 2.87 -1.25
C VAL A 98 9.30 2.80 -1.82
N ALA A 99 9.59 3.76 -2.68
CA ALA A 99 10.92 3.79 -3.35
C ALA A 99 12.06 4.03 -2.36
N TYR A 100 13.22 3.47 -2.69
CA TYR A 100 14.51 3.95 -2.07
C TYR A 100 14.61 3.81 -0.55
N GLN A 101 14.33 2.62 0.00
CA GLN A 101 14.19 2.53 1.44
C GLN A 101 15.53 2.65 2.22
N ARG A 102 16.65 2.53 1.50
CA ARG A 102 17.93 2.89 2.12
C ARG A 102 18.06 4.33 2.47
N LEU A 103 17.13 5.17 2.03
CA LEU A 103 17.10 6.48 2.53
C LEU A 103 16.86 6.53 3.98
N PHE A 104 16.15 5.54 4.50
CA PHE A 104 15.60 5.59 5.87
C PHE A 104 16.40 4.85 6.90
N HIS A 105 17.13 3.84 6.44
CA HIS A 105 17.92 2.94 7.31
C HIS A 105 18.89 2.24 6.39
N PRO A 106 20.12 1.92 6.87
CA PRO A 106 21.05 1.22 6.00
C PRO A 106 20.68 -0.15 5.47
N GLU A 107 19.84 -0.90 6.19
CA GLU A 107 19.38 -2.19 5.74
C GLU A 107 18.20 -2.07 4.72
N GLY A 108 17.64 -0.88 4.69
CA GLY A 108 16.60 -0.58 3.67
C GLY A 108 15.57 -1.66 3.54
N GLU A 109 15.32 -2.02 2.28
CA GLU A 109 14.26 -3.01 1.94
C GLU A 109 14.44 -4.33 2.58
N LEU A 110 15.71 -4.78 2.85
CA LEU A 110 15.85 -6.08 3.48
C LEU A 110 15.31 -6.11 4.88
N ALA A 111 15.46 -5.03 5.63
CA ALA A 111 14.95 -4.92 7.01
C ALA A 111 13.39 -5.01 6.98
N VAL A 112 12.84 -4.24 6.06
CA VAL A 112 11.36 -4.27 6.02
C VAL A 112 10.82 -5.61 5.55
N ALA A 113 11.38 -6.19 4.51
CA ALA A 113 10.93 -7.43 3.97
C ALA A 113 11.05 -8.56 5.01
N ARG A 114 12.15 -8.57 5.76
CA ARG A 114 12.31 -9.58 6.77
C ARG A 114 11.20 -9.49 7.85
N ALA A 115 10.93 -8.28 8.31
CA ALA A 115 9.88 -8.07 9.33
C ALA A 115 8.51 -8.45 8.79
N ALA A 116 8.26 -8.08 7.53
CA ALA A 116 6.98 -8.46 6.90
C ALA A 116 6.82 -9.95 6.77
N ARG A 117 7.89 -10.64 6.32
CA ARG A 117 7.89 -12.08 6.26
C ARG A 117 7.52 -12.67 7.63
N ASP A 118 8.22 -12.19 8.68
CA ASP A 118 8.05 -12.79 10.00
C ASP A 118 6.64 -12.53 10.53
N ALA A 119 6.03 -11.44 10.11
CA ALA A 119 4.65 -11.09 10.51
C ALA A 119 3.60 -11.75 9.64
N GLY A 120 3.98 -12.36 8.51
CA GLY A 120 3.04 -12.96 7.63
C GLY A 120 2.26 -11.96 6.78
N VAL A 121 2.85 -10.82 6.54
CA VAL A 121 2.26 -9.70 5.77
CA VAL A 121 2.17 -9.91 5.64
C VAL A 121 2.97 -9.66 4.40
N PRO A 122 2.24 -9.53 3.27
CA PRO A 122 2.92 -9.31 2.02
C PRO A 122 3.72 -8.02 2.00
N TYR A 123 4.91 -8.08 1.37
CA TYR A 123 5.74 -6.93 1.13
C TYR A 123 5.81 -6.60 -0.36
N THR A 124 5.58 -5.35 -0.73
CA THR A 124 5.66 -4.97 -2.14
C THR A 124 7.07 -4.46 -2.49
N ILE A 125 7.79 -5.26 -3.26
CA ILE A 125 9.10 -4.82 -3.78
C ILE A 125 8.91 -3.78 -4.89
N CYS A 126 9.61 -2.66 -4.80
CA CYS A 126 9.45 -1.55 -5.73
C CYS A 126 10.38 -1.66 -6.95
N THR A 127 9.88 -1.19 -8.09
CA THR A 127 10.77 -1.00 -9.25
C THR A 127 11.94 -0.10 -8.87
N LEU A 128 11.74 0.91 -8.05
CA LEU A 128 12.80 1.83 -7.57
C LEU A 128 13.40 1.39 -6.24
N SER A 129 13.52 0.10 -6.06
CA SER A 129 14.12 -0.41 -4.78
C SER A 129 15.64 -0.10 -4.79
N SER A 130 16.12 0.15 -3.60
CA SER A 130 17.56 0.48 -3.39
C SER A 130 18.38 -0.77 -3.10
N VAL A 131 17.74 -1.92 -3.05
CA VAL A 131 18.36 -3.26 -3.07
C VAL A 131 17.72 -4.01 -4.19
N SER A 132 18.41 -4.86 -4.94
CA SER A 132 17.81 -5.53 -6.09
C SER A 132 16.62 -6.42 -5.72
N LEU A 133 15.67 -6.48 -6.62
CA LEU A 133 14.47 -7.25 -6.37
C LEU A 133 14.76 -8.72 -6.07
N GLU A 134 15.81 -9.29 -6.70
CA GLU A 134 16.12 -10.67 -6.44
C GLU A 134 16.63 -10.87 -5.00
N GLU A 135 17.47 -9.96 -4.50
CA GLU A 135 17.90 -10.01 -3.10
C GLU A 135 16.76 -9.90 -2.11
N ILE A 136 15.83 -8.96 -2.40
CA ILE A 136 14.71 -8.85 -1.49
C ILE A 136 13.83 -10.06 -1.54
N ALA A 137 13.53 -10.61 -2.71
CA ALA A 137 12.73 -11.79 -2.82
C ALA A 137 13.36 -13.00 -2.10
N ALA A 138 14.68 -13.04 -2.12
CA ALA A 138 15.36 -14.14 -1.40
C ALA A 138 15.14 -14.13 0.10
N VAL A 139 14.75 -13.00 0.68
CA VAL A 139 14.34 -12.99 2.08
C VAL A 139 13.23 -13.98 2.35
N GLY A 140 12.41 -14.23 1.36
CA GLY A 140 11.26 -15.13 1.53
C GLY A 140 9.95 -14.40 1.71
N GLY A 141 9.00 -15.05 2.35
CA GLY A 141 7.75 -14.34 2.67
C GLY A 141 6.86 -14.23 1.48
N ARG A 142 5.97 -13.25 1.47
CA ARG A 142 4.97 -13.20 0.37
C ARG A 142 5.35 -12.00 -0.53
N PRO A 143 6.43 -12.10 -1.40
CA PRO A 143 6.68 -10.78 -1.92
C PRO A 143 5.77 -10.52 -3.17
N TRP A 144 5.29 -9.29 -3.28
CA TRP A 144 4.70 -8.80 -4.52
C TRP A 144 5.70 -7.91 -5.20
N PHE A 145 5.49 -7.56 -6.48
CA PHE A 145 6.38 -6.66 -7.18
C PHE A 145 5.61 -5.47 -7.81
N GLN A 146 6.01 -4.25 -7.53
CA GLN A 146 5.43 -3.03 -8.08
C GLN A 146 6.17 -2.65 -9.33
N LEU A 147 5.42 -2.41 -10.40
CA LEU A 147 5.94 -2.07 -11.71
C LEU A 147 5.66 -0.65 -12.10
N PHE A 148 6.69 0.10 -12.53
CA PHE A 148 6.55 1.30 -13.31
C PHE A 148 6.76 0.98 -14.80
N TRP A 149 5.90 1.56 -15.62
CA TRP A 149 6.06 1.52 -17.06
C TRP A 149 7.16 2.55 -17.42
N LEU A 150 8.04 2.05 -18.24
CA LEU A 150 9.20 2.82 -18.65
C LEU A 150 9.18 3.16 -20.15
N ARG A 151 9.87 4.27 -20.50
CA ARG A 151 10.07 4.69 -21.89
C ARG A 151 10.52 3.47 -22.70
N ASP A 152 11.49 2.74 -22.18
CA ASP A 152 11.90 1.54 -22.87
C ASP A 152 10.97 0.49 -22.34
N GLU A 153 9.89 0.21 -23.08
CA GLU A 153 8.92 -0.89 -22.74
C GLU A 153 9.57 -2.23 -22.33
N LYS A 154 10.62 -2.62 -23.07
CA LYS A 154 11.20 -3.95 -22.87
C LYS A 154 11.76 -4.08 -21.49
N ARG A 155 12.29 -2.98 -20.97
CA ARG A 155 12.80 -2.93 -19.61
C ARG A 155 11.68 -3.21 -18.59
N SER A 156 10.51 -2.59 -18.77
CA SER A 156 9.35 -2.91 -17.92
CA SER A 156 9.37 -2.92 -17.90
C SER A 156 8.96 -4.40 -17.98
N LEU A 157 8.87 -4.96 -19.16
CA LEU A 157 8.51 -6.32 -19.27
C LEU A 157 9.61 -7.33 -18.74
N ASP A 158 10.87 -6.91 -18.85
CA ASP A 158 11.97 -7.71 -18.30
C ASP A 158 11.86 -7.68 -16.76
N LEU A 159 11.47 -6.55 -16.17
CA LEU A 159 11.30 -6.47 -14.74
C LEU A 159 10.21 -7.44 -14.33
N VAL A 160 9.12 -7.53 -15.09
CA VAL A 160 8.07 -8.42 -14.73
C VAL A 160 8.57 -9.88 -14.71
N ARG A 161 9.30 -10.25 -15.76
CA ARG A 161 9.81 -11.61 -15.85
C ARG A 161 10.81 -11.88 -14.71
N ARG A 162 11.63 -10.91 -14.40
CA ARG A 162 12.58 -11.07 -13.28
C ARG A 162 11.85 -11.28 -11.99
N ALA A 163 10.80 -10.48 -11.79
CA ALA A 163 10.01 -10.61 -10.55
C ALA A 163 9.40 -12.00 -10.44
N GLU A 164 8.80 -12.48 -11.52
CA GLU A 164 8.16 -13.77 -11.52
C GLU A 164 9.21 -14.89 -11.27
N ASP A 165 10.32 -14.77 -11.99
CA ASP A 165 11.43 -15.78 -11.86
C ASP A 165 11.92 -15.81 -10.42
N ALA A 166 11.90 -14.68 -9.72
CA ALA A 166 12.33 -14.63 -8.32
C ALA A 166 11.32 -15.06 -7.28
N GLY A 167 10.10 -15.40 -7.69
CA GLY A 167 9.06 -15.89 -6.82
C GLY A 167 8.08 -14.85 -6.30
N CYS A 168 8.06 -13.69 -6.95
CA CYS A 168 7.00 -12.72 -6.56
C CYS A 168 5.67 -13.28 -6.95
N GLU A 169 4.63 -12.91 -6.22
CA GLU A 169 3.31 -13.57 -6.33
C GLU A 169 2.24 -12.70 -6.99
N ALA A 170 2.56 -11.42 -7.21
CA ALA A 170 1.61 -10.52 -7.90
C ALA A 170 2.37 -9.39 -8.46
N ILE A 171 1.85 -8.77 -9.55
CA ILE A 171 2.48 -7.62 -10.11
C ILE A 171 1.55 -6.45 -9.82
N VAL A 172 2.03 -5.49 -9.06
CA VAL A 172 1.27 -4.29 -8.68
C VAL A 172 1.69 -3.24 -9.70
N PHE A 173 0.86 -3.03 -10.75
CA PHE A 173 1.20 -2.08 -11.79
C PHE A 173 0.71 -0.68 -11.36
N THR A 174 1.62 0.25 -11.17
CA THR A 174 1.26 1.59 -10.72
C THR A 174 0.79 2.35 -11.95
N VAL A 175 -0.47 2.81 -11.88
CA VAL A 175 -1.13 3.44 -13.06
C VAL A 175 -1.32 4.93 -12.90
N ASP A 176 -0.90 5.56 -11.81
CA ASP A 176 -1.12 6.96 -11.50
C ASP A 176 0.05 7.84 -11.61
N VAL A 177 1.15 7.33 -12.23
CA VAL A 177 2.42 8.05 -12.37
C VAL A 177 2.84 8.02 -13.82
N PRO A 178 2.11 8.70 -14.68
CA PRO A 178 2.67 8.93 -16.00
C PRO A 178 3.98 9.72 -15.92
N TRP A 179 4.11 10.58 -14.91
CA TRP A 179 5.27 11.24 -14.47
C TRP A 179 5.07 11.56 -13.04
N MET A 180 6.14 11.86 -12.34
CA MET A 180 6.08 12.23 -10.94
CA MET A 180 6.06 12.22 -10.92
C MET A 180 5.37 13.56 -10.72
N GLY A 181 4.51 13.64 -9.70
CA GLY A 181 3.91 14.87 -9.32
C GLY A 181 4.87 15.97 -8.87
N ARG A 182 4.33 17.14 -8.61
N ARG A 182 4.34 17.16 -8.64
CA ARG A 182 5.11 18.31 -8.17
CA ARG A 182 5.15 18.30 -8.24
C ARG A 182 5.28 18.35 -6.68
C ARG A 182 5.30 18.36 -6.71
N ARG A 183 6.45 17.88 -6.22
CA ARG A 183 6.73 17.73 -4.81
C ARG A 183 7.41 18.98 -4.26
N LEU A 184 6.64 19.91 -3.73
CA LEU A 184 7.22 21.26 -3.48
C LEU A 184 8.22 21.20 -2.34
N ARG A 185 8.04 20.28 -1.39
CA ARG A 185 9.04 20.18 -0.32
C ARG A 185 10.37 19.81 -0.96
N ASP A 186 10.33 18.89 -1.91
CA ASP A 186 11.55 18.39 -2.49
C ASP A 186 12.20 19.49 -3.34
N MET A 187 11.37 20.25 -4.02
CA MET A 187 11.89 21.36 -4.84
C MET A 187 12.50 22.43 -3.93
N ARG A 188 11.85 22.74 -2.81
CA ARG A 188 12.38 23.77 -1.91
C ARG A 188 13.65 23.29 -1.26
N ASN A 189 13.72 22.02 -0.89
CA ASN A 189 14.92 21.50 -0.28
C ASN A 189 16.05 21.23 -1.23
N GLY A 190 15.81 21.24 -2.54
CA GLY A 190 16.76 20.79 -3.54
C GLY A 190 17.14 19.32 -3.34
N PHE A 191 16.15 18.51 -2.95
CA PHE A 191 16.41 17.11 -2.64
C PHE A 191 16.92 16.33 -3.80
N ALA A 192 17.92 15.51 -3.55
CA ALA A 192 18.41 14.54 -4.51
C ALA A 192 18.88 13.34 -3.73
N LEU A 193 18.92 12.18 -4.36
CA LEU A 193 19.38 10.99 -3.69
C LEU A 193 20.85 11.14 -3.31
N PRO A 194 21.21 10.75 -2.11
CA PRO A 194 22.64 10.66 -1.85
C PRO A 194 23.32 9.63 -2.74
N GLU A 195 24.63 9.78 -2.94
CA GLU A 195 25.35 8.87 -3.83
C GLU A 195 25.29 7.42 -3.40
N TRP A 196 25.07 7.16 -2.11
CA TRP A 196 25.00 5.80 -1.60
C TRP A 196 23.60 5.11 -1.77
N VAL A 197 22.63 5.81 -2.39
CA VAL A 197 21.29 5.22 -2.67
C VAL A 197 21.09 5.25 -4.17
N THR A 198 20.88 4.09 -4.77
CA THR A 198 20.61 3.99 -6.20
C THR A 198 19.40 3.11 -6.45
N ALA A 199 18.90 3.22 -7.66
CA ALA A 199 17.86 2.30 -8.18
C ALA A 199 18.53 1.00 -8.59
N ALA A 200 18.55 0.08 -7.62
CA ALA A 200 19.33 -1.16 -7.74
C ALA A 200 18.87 -2.16 -8.78
N ASN A 201 17.64 -2.02 -9.30
CA ASN A 201 17.20 -2.86 -10.35
C ASN A 201 17.72 -2.52 -11.75
N PHE A 202 18.42 -1.38 -11.87
CA PHE A 202 18.90 -0.87 -13.19
C PHE A 202 20.44 -0.86 -13.29
N GLU A 225 12.59 8.74 -17.67
CA GLU A 225 12.47 7.30 -17.78
C GLU A 225 11.03 6.71 -17.63
N PHE A 226 10.18 7.34 -16.81
CA PHE A 226 8.74 6.99 -16.67
C PHE A 226 8.09 7.24 -18.05
N ALA A 227 7.19 6.34 -18.49
CA ALA A 227 6.37 6.59 -19.65
C ALA A 227 4.92 6.43 -19.24
N PRO A 228 4.04 7.25 -19.79
CA PRO A 228 2.66 7.06 -19.49
C PRO A 228 2.21 5.62 -19.86
N ALA A 229 1.55 4.95 -18.95
CA ALA A 229 1.01 3.63 -19.24
C ALA A 229 -0.41 3.81 -19.77
N THR A 230 -0.86 2.87 -20.61
CA THR A 230 -2.18 2.83 -21.08
C THR A 230 -2.78 1.44 -20.87
N TRP A 231 -4.05 1.27 -21.22
CA TRP A 231 -4.69 0.00 -21.15
C TRP A 231 -3.98 -1.06 -22.02
N GLU A 232 -3.33 -0.60 -23.10
CA GLU A 232 -2.53 -1.50 -23.92
CA GLU A 232 -2.51 -1.45 -23.94
C GLU A 232 -1.33 -2.01 -23.13
N SER A 233 -0.76 -1.17 -22.30
CA SER A 233 0.38 -1.59 -21.43
C SER A 233 -0.07 -2.66 -20.47
N VAL A 234 -1.25 -2.47 -19.89
CA VAL A 234 -1.86 -3.46 -18.98
C VAL A 234 -2.01 -4.81 -19.63
N GLU A 235 -2.46 -4.79 -20.88
CA GLU A 235 -2.66 -6.01 -21.62
C GLU A 235 -1.29 -6.67 -21.94
N ALA A 236 -0.27 -5.88 -22.19
CA ALA A 236 1.06 -6.41 -22.52
C ALA A 236 1.60 -7.10 -21.26
N VAL A 237 1.38 -6.46 -20.12
CA VAL A 237 1.80 -7.13 -18.89
C VAL A 237 1.04 -8.41 -18.63
N ARG A 238 -0.30 -8.38 -18.71
CA ARG A 238 -1.17 -9.55 -18.52
C ARG A 238 -0.73 -10.69 -19.43
N ALA A 239 -0.38 -10.40 -20.68
CA ALA A 239 0.06 -11.44 -21.59
C ALA A 239 1.45 -12.02 -21.27
N HIS A 240 2.28 -11.33 -20.52
CA HIS A 240 3.67 -11.69 -20.31
C HIS A 240 3.81 -12.47 -18.96
N THR A 241 2.72 -12.64 -18.22
CA THR A 241 2.84 -13.29 -16.87
C THR A 241 1.61 -14.07 -16.55
N ASP A 242 1.80 -15.09 -15.73
CA ASP A 242 0.68 -15.83 -15.16
C ASP A 242 0.33 -15.28 -13.76
N LEU A 243 1.05 -14.28 -13.28
CA LEU A 243 0.73 -13.75 -11.95
C LEU A 243 -0.49 -12.81 -12.03
N PRO A 244 -1.22 -12.67 -10.92
CA PRO A 244 -2.28 -11.68 -10.86
C PRO A 244 -1.71 -10.28 -11.04
N VAL A 245 -2.37 -9.47 -11.88
CA VAL A 245 -2.01 -8.08 -12.10
C VAL A 245 -2.97 -7.21 -11.30
N VAL A 246 -2.40 -6.34 -10.52
CA VAL A 246 -3.13 -5.45 -9.59
C VAL A 246 -2.88 -4.03 -10.05
N LEU A 247 -3.91 -3.22 -10.36
CA LEU A 247 -3.69 -1.88 -10.84
C LEU A 247 -3.80 -0.91 -9.68
N LYS A 248 -2.70 -0.21 -9.40
CA LYS A 248 -2.63 0.65 -8.25
C LYS A 248 -2.76 2.09 -8.64
N GLY A 249 -3.76 2.79 -8.06
CA GLY A 249 -3.96 4.21 -8.33
C GLY A 249 -5.28 4.44 -9.08
N ILE A 250 -6.23 3.52 -8.92
CA ILE A 250 -7.58 3.69 -9.52
C ILE A 250 -8.47 4.50 -8.59
N LEU A 251 -9.17 5.52 -9.16
CA LEU A 251 -10.13 6.26 -8.36
C LEU A 251 -11.50 6.44 -9.03
N ALA A 252 -11.54 6.38 -10.35
CA ALA A 252 -12.87 6.50 -11.04
C ALA A 252 -13.54 5.13 -11.07
N VAL A 253 -14.86 5.14 -10.83
CA VAL A 253 -15.61 3.90 -10.87
C VAL A 253 -15.46 3.19 -12.19
N GLU A 254 -15.54 3.93 -13.32
CA GLU A 254 -15.49 3.27 -14.62
C GLU A 254 -14.09 2.71 -14.85
N ASP A 255 -13.03 3.30 -14.26
CA ASP A 255 -11.70 2.68 -14.37
C ASP A 255 -11.63 1.38 -13.57
N ALA A 256 -12.32 1.29 -12.45
CA ALA A 256 -12.40 0.03 -11.69
C ALA A 256 -13.07 -1.06 -12.49
N ARG A 257 -14.22 -0.69 -13.11
CA ARG A 257 -14.90 -1.65 -13.96
C ARG A 257 -14.08 -2.09 -15.10
N ARG A 258 -13.36 -1.17 -15.75
CA ARG A 258 -12.55 -1.53 -16.88
C ARG A 258 -11.37 -2.41 -16.47
N ALA A 259 -10.84 -2.15 -15.24
CA ALA A 259 -9.82 -3.03 -14.72
C ALA A 259 -10.28 -4.47 -14.64
N VAL A 260 -11.52 -4.72 -14.19
CA VAL A 260 -12.01 -6.05 -14.12
C VAL A 260 -12.10 -6.63 -15.53
N ASP A 261 -12.68 -5.83 -16.42
CA ASP A 261 -12.84 -6.27 -17.83
C ASP A 261 -11.52 -6.56 -18.47
N ALA A 262 -10.47 -5.84 -18.08
CA ALA A 262 -9.10 -6.04 -18.56
C ALA A 262 -8.37 -7.25 -17.99
N GLY A 263 -8.98 -7.93 -17.04
CA GLY A 263 -8.43 -9.13 -16.47
C GLY A 263 -7.56 -8.90 -15.23
N ALA A 264 -7.65 -7.71 -14.65
CA ALA A 264 -6.94 -7.47 -13.40
C ALA A 264 -7.44 -8.40 -12.34
N GLY A 265 -6.53 -8.87 -11.48
CA GLY A 265 -6.90 -9.62 -10.30
C GLY A 265 -7.20 -8.79 -9.08
N GLY A 266 -6.81 -7.52 -9.15
CA GLY A 266 -7.11 -6.57 -8.09
C GLY A 266 -6.88 -5.16 -8.54
N ILE A 267 -7.34 -4.21 -7.71
CA ILE A 267 -7.00 -2.84 -7.87
C ILE A 267 -6.66 -2.29 -6.48
N VAL A 268 -5.90 -1.23 -6.45
CA VAL A 268 -5.69 -0.42 -5.23
C VAL A 268 -6.28 0.95 -5.45
N VAL A 269 -7.35 1.21 -4.74
CA VAL A 269 -8.05 2.48 -4.76
C VAL A 269 -7.24 3.49 -3.94
N SER A 270 -6.69 4.52 -4.61
CA SER A 270 -5.55 5.25 -4.10
C SER A 270 -5.30 6.53 -4.80
N ASN A 271 -4.91 7.55 -4.07
CA ASN A 271 -4.42 8.80 -4.69
C ASN A 271 -2.89 8.96 -4.50
N HIS A 272 -2.24 7.83 -4.30
CA HIS A 272 -0.74 7.74 -4.19
C HIS A 272 -0.31 8.54 -2.97
N GLY A 273 -1.04 8.46 -1.89
CA GLY A 273 -0.67 9.15 -0.67
C GLY A 273 -0.58 10.65 -0.78
N GLY A 274 -1.37 11.23 -1.71
CA GLY A 274 -1.37 12.63 -1.91
C GLY A 274 -0.16 13.18 -2.61
N ARG A 275 0.55 12.30 -3.31
CA ARG A 275 1.84 12.64 -3.95
C ARG A 275 1.75 12.91 -5.42
N GLN A 276 0.59 12.65 -6.03
CA GLN A 276 0.46 12.72 -7.49
C GLN A 276 -0.43 13.94 -7.84
N LEU A 277 -1.69 13.70 -8.21
CA LEU A 277 -2.56 14.88 -8.44
C LEU A 277 -2.95 15.54 -7.14
N ASP A 278 -2.58 16.81 -6.93
CA ASP A 278 -3.04 17.56 -5.79
C ASP A 278 -4.50 18.02 -6.06
N GLY A 279 -5.41 17.53 -5.22
CA GLY A 279 -6.84 17.68 -5.46
C GLY A 279 -7.53 16.41 -5.88
N ALA A 280 -6.77 15.32 -6.08
CA ALA A 280 -7.39 14.03 -6.27
C ALA A 280 -8.15 13.60 -5.04
N VAL A 281 -9.39 13.11 -5.23
CA VAL A 281 -10.19 12.54 -4.17
C VAL A 281 -9.40 11.44 -3.41
N PRO A 282 -9.62 11.37 -2.09
CA PRO A 282 -9.08 10.20 -1.40
C PRO A 282 -9.69 8.89 -1.83
N GLY A 283 -8.87 7.85 -1.86
CA GLY A 283 -9.35 6.54 -2.22
C GLY A 283 -10.52 6.08 -1.31
N ILE A 284 -10.41 6.32 0.02
CA ILE A 284 -11.43 5.93 0.97
CA ILE A 284 -11.44 5.94 0.98
C ILE A 284 -12.80 6.55 0.64
N GLU A 285 -12.80 7.70 -0.01
CA GLU A 285 -14.10 8.32 -0.43
C GLU A 285 -14.72 7.67 -1.66
N MET A 286 -13.94 6.97 -2.48
CA MET A 286 -14.41 6.26 -3.66
C MET A 286 -14.70 4.80 -3.40
N LEU A 287 -14.14 4.26 -2.29
CA LEU A 287 -14.09 2.83 -2.11
C LEU A 287 -15.42 2.14 -2.15
N GLY A 288 -16.42 2.67 -1.43
CA GLY A 288 -17.73 1.98 -1.38
C GLY A 288 -18.35 1.86 -2.76
N GLU A 289 -18.32 2.95 -3.49
CA GLU A 289 -18.85 2.97 -4.81
C GLU A 289 -18.15 1.98 -5.74
N ILE A 290 -16.84 1.93 -5.63
CA ILE A 290 -16.03 1.02 -6.42
C ILE A 290 -16.31 -0.42 -6.10
N VAL A 291 -16.39 -0.70 -4.81
CA VAL A 291 -16.69 -2.08 -4.39
C VAL A 291 -18.02 -2.53 -4.93
N ALA A 292 -19.02 -1.65 -4.90
CA ALA A 292 -20.30 -2.01 -5.48
C ALA A 292 -20.23 -2.24 -6.98
N ALA A 293 -19.52 -1.41 -7.68
CA ALA A 293 -19.41 -1.54 -9.14
C ALA A 293 -18.69 -2.78 -9.60
N VAL A 294 -17.64 -3.23 -8.88
N VAL A 294 -17.69 -3.20 -8.79
CA VAL A 294 -16.95 -4.41 -9.37
CA VAL A 294 -16.82 -4.31 -9.13
C VAL A 294 -17.66 -5.71 -8.96
C VAL A 294 -17.54 -5.67 -9.01
N SER A 295 -18.48 -5.62 -7.90
N SER A 295 -18.56 -5.71 -8.14
CA SER A 295 -19.35 -6.72 -7.46
CA SER A 295 -19.40 -6.90 -7.91
C SER A 295 -18.63 -8.07 -7.50
C SER A 295 -18.54 -8.14 -7.68
N GLY A 296 -17.50 -8.03 -6.83
CA GLY A 296 -16.68 -9.19 -6.58
C GLY A 296 -15.80 -9.67 -7.67
N GLY A 297 -15.70 -8.91 -8.76
CA GLY A 297 -14.96 -9.30 -9.95
C GLY A 297 -13.43 -9.22 -9.78
N CYS A 298 -12.93 -8.50 -8.78
CA CYS A 298 -11.49 -8.51 -8.44
C CYS A 298 -11.36 -8.09 -6.96
N GLU A 299 -10.16 -8.30 -6.40
CA GLU A 299 -9.89 -7.79 -5.06
C GLU A 299 -9.82 -6.27 -5.11
N VAL A 300 -10.37 -5.60 -4.10
CA VAL A 300 -10.35 -4.14 -4.07
C VAL A 300 -9.63 -3.76 -2.78
N LEU A 301 -8.38 -3.28 -2.95
CA LEU A 301 -7.56 -2.74 -1.87
C LEU A 301 -7.71 -1.21 -1.80
N VAL A 302 -7.34 -0.62 -0.70
CA VAL A 302 -7.31 0.83 -0.55
C VAL A 302 -6.05 1.21 0.20
N ASP A 303 -5.58 2.42 -0.03
CA ASP A 303 -4.55 2.99 0.78
C ASP A 303 -4.69 4.49 0.94
N GLY A 304 -3.82 5.07 1.74
CA GLY A 304 -3.80 6.46 2.07
C GLY A 304 -4.26 6.77 3.45
N GLY A 305 -3.31 7.03 4.32
CA GLY A 305 -3.63 7.45 5.66
C GLY A 305 -4.01 6.38 6.64
N ILE A 306 -3.82 5.09 6.34
CA ILE A 306 -4.16 4.07 7.30
C ILE A 306 -3.10 4.12 8.45
N ARG A 307 -3.57 4.41 9.65
CA ARG A 307 -2.66 4.70 10.81
C ARG A 307 -3.02 3.93 12.08
N SER A 308 -3.92 2.96 12.00
CA SER A 308 -4.28 2.15 13.14
C SER A 308 -5.07 0.95 12.69
N GLY A 309 -5.27 0.01 13.62
CA GLY A 309 -6.16 -1.11 13.38
C GLY A 309 -7.61 -0.65 13.22
N GLY A 310 -7.98 0.41 13.89
CA GLY A 310 -9.26 1.00 13.73
C GLY A 310 -9.51 1.50 12.30
N ASP A 311 -8.47 2.05 11.69
CA ASP A 311 -8.56 2.53 10.31
C ASP A 311 -8.69 1.33 9.36
N VAL A 312 -7.94 0.25 9.64
CA VAL A 312 -8.06 -0.99 8.87
C VAL A 312 -9.53 -1.45 8.93
N LEU A 313 -10.11 -1.44 10.12
CA LEU A 313 -11.51 -1.84 10.29
C LEU A 313 -12.46 -0.95 9.47
N LYS A 314 -12.22 0.36 9.45
CA LYS A 314 -13.06 1.27 8.62
C LYS A 314 -12.98 0.87 7.17
N ALA A 315 -11.75 0.68 6.68
CA ALA A 315 -11.54 0.30 5.26
C ALA A 315 -12.25 -0.96 4.94
N THR A 316 -12.18 -1.98 5.81
CA THR A 316 -12.83 -3.25 5.65
CA THR A 316 -12.86 -3.24 5.54
C THR A 316 -14.37 -3.05 5.58
N ALA A 317 -14.86 -2.24 6.50
CA ALA A 317 -16.30 -2.04 6.63
C ALA A 317 -16.83 -1.34 5.37
N LEU A 318 -15.99 -0.53 4.76
CA LEU A 318 -16.34 0.13 3.47
C LEU A 318 -16.22 -0.82 2.31
N GLY A 319 -15.70 -2.01 2.51
CA GLY A 319 -15.62 -3.02 1.49
C GLY A 319 -14.27 -3.47 1.01
N ALA A 320 -13.21 -2.88 1.50
CA ALA A 320 -11.87 -3.29 1.07
C ALA A 320 -11.59 -4.75 1.39
N SER A 321 -10.89 -5.40 0.48
CA SER A 321 -10.30 -6.74 0.71
C SER A 321 -9.11 -6.63 1.69
N ALA A 322 -8.35 -5.55 1.60
CA ALA A 322 -7.12 -5.33 2.37
C ALA A 322 -6.68 -3.91 2.17
N VAL A 323 -5.75 -3.44 3.00
CA VAL A 323 -5.19 -2.12 2.85
C VAL A 323 -3.71 -2.20 2.53
N LEU A 324 -3.15 -1.15 1.99
CA LEU A 324 -1.67 -0.96 2.02
C LEU A 324 -1.35 0.10 3.04
N VAL A 325 -0.16 -0.04 3.67
CA VAL A 325 0.35 0.95 4.63
C VAL A 325 1.76 1.37 4.15
N GLY A 326 1.97 2.67 3.96
CA GLY A 326 3.26 3.18 3.46
C GLY A 326 4.04 3.90 4.50
N ARG A 327 3.79 5.18 4.68
CA ARG A 327 4.63 6.03 5.57
C ARG A 327 4.92 5.39 6.97
N PRO A 328 3.92 4.80 7.65
CA PRO A 328 4.20 4.31 9.02
C PRO A 328 5.26 3.22 9.02
N VAL A 329 5.30 2.39 7.98
CA VAL A 329 6.31 1.32 7.90
C VAL A 329 7.69 1.98 7.82
N MET A 330 7.83 3.05 7.08
CA MET A 330 9.08 3.72 6.93
C MET A 330 9.45 4.46 8.19
N TRP A 331 8.47 4.99 8.93
CA TRP A 331 8.78 5.59 10.23
C TRP A 331 9.42 4.54 11.14
N ALA A 332 8.88 3.34 11.19
CA ALA A 332 9.40 2.28 12.03
C ALA A 332 10.80 1.85 11.56
N LEU A 333 10.99 1.68 10.26
CA LEU A 333 12.31 1.40 9.71
C LEU A 333 13.33 2.49 10.12
N ALA A 334 12.99 3.76 9.97
CA ALA A 334 13.89 4.87 10.37
C ALA A 334 14.18 4.79 11.85
N ALA A 335 13.17 4.52 12.64
CA ALA A 335 13.33 4.59 14.08
C ALA A 335 14.20 3.45 14.63
N ALA A 336 14.02 2.23 14.12
CA ALA A 336 14.66 1.08 14.76
C ALA A 336 14.89 -0.11 13.85
N GLY A 337 14.98 0.13 12.55
CA GLY A 337 15.35 -0.90 11.59
C GLY A 337 14.41 -2.06 11.54
N GLN A 338 14.91 -3.27 11.31
CA GLN A 338 14.02 -4.43 11.27
C GLN A 338 13.17 -4.57 12.51
N ASP A 339 13.79 -4.42 13.68
CA ASP A 339 13.05 -4.52 14.93
CA ASP A 339 13.01 -4.60 14.89
C ASP A 339 11.89 -3.52 15.02
N GLY A 340 12.12 -2.32 14.52
CA GLY A 340 11.11 -1.27 14.54
C GLY A 340 9.92 -1.69 13.67
N VAL A 341 10.21 -2.21 12.49
CA VAL A 341 9.12 -2.68 11.61
C VAL A 341 8.40 -3.81 12.25
N ARG A 342 9.11 -4.76 12.89
CA ARG A 342 8.46 -5.84 13.61
C ARG A 342 7.53 -5.31 14.68
N GLN A 343 7.99 -4.33 15.44
CA GLN A 343 7.18 -3.77 16.51
C GLN A 343 5.88 -3.10 15.93
N LEU A 344 6.06 -2.38 14.85
CA LEU A 344 4.90 -1.73 14.18
C LEU A 344 3.92 -2.80 13.75
N LEU A 345 4.39 -3.85 13.08
CA LEU A 345 3.47 -4.87 12.58
C LEU A 345 2.76 -5.63 13.70
N GLU A 346 3.47 -5.88 14.82
CA GLU A 346 2.87 -6.45 16.01
C GLU A 346 1.77 -5.56 16.62
N LEU A 347 2.02 -4.28 16.67
CA LEU A 347 1.07 -3.30 17.21
C LEU A 347 -0.16 -3.26 16.28
N LEU A 348 0.09 -3.14 14.98
CA LEU A 348 -1.05 -3.17 14.04
CA LEU A 348 -1.02 -3.15 14.05
C LEU A 348 -1.86 -4.42 14.16
N ALA A 349 -1.22 -5.62 14.27
CA ALA A 349 -1.94 -6.83 14.41
C ALA A 349 -2.79 -6.85 15.66
N GLU A 350 -2.25 -6.33 16.76
CA GLU A 350 -3.02 -6.24 18.00
C GLU A 350 -4.20 -5.26 17.85
N GLU A 351 -3.96 -4.15 17.20
CA GLU A 351 -5.06 -3.16 17.02
C GLU A 351 -6.15 -3.70 16.10
N VAL A 352 -5.77 -4.45 15.05
CA VAL A 352 -6.77 -5.03 14.14
C VAL A 352 -7.62 -6.05 14.87
N ARG A 353 -6.98 -6.94 15.63
CA ARG A 353 -7.70 -7.93 16.37
C ARG A 353 -8.64 -7.29 17.41
N ASP A 354 -8.13 -6.28 18.08
CA ASP A 354 -8.90 -5.55 19.11
C ASP A 354 -10.16 -4.92 18.46
N ALA A 355 -9.95 -4.19 17.38
CA ALA A 355 -11.05 -3.47 16.68
C ALA A 355 -12.05 -4.42 16.17
N MET A 356 -11.58 -5.52 15.54
CA MET A 356 -12.50 -6.51 15.02
C MET A 356 -13.40 -7.10 16.09
N GLY A 357 -12.81 -7.53 17.20
CA GLY A 357 -13.61 -8.13 18.21
C GLY A 357 -14.53 -7.17 18.93
N LEU A 358 -14.06 -5.96 19.21
CA LEU A 358 -14.92 -4.95 19.79
C LEU A 358 -16.12 -4.61 18.90
N ALA A 359 -15.94 -4.83 17.58
CA ALA A 359 -17.01 -4.62 16.57
C ALA A 359 -17.82 -5.89 16.26
N GLY A 360 -17.55 -7.00 16.95
CA GLY A 360 -18.30 -8.22 16.84
C GLY A 360 -17.97 -9.07 15.61
N CYS A 361 -16.74 -8.97 15.15
CA CYS A 361 -16.30 -9.67 13.94
C CYS A 361 -15.25 -10.72 14.24
N GLU A 362 -15.60 -11.96 13.97
CA GLU A 362 -14.67 -13.06 14.21
C GLU A 362 -13.78 -13.27 12.98
N SER A 363 -14.13 -12.66 11.84
CA SER A 363 -13.37 -12.78 10.63
C SER A 363 -13.40 -11.49 9.83
N VAL A 364 -12.47 -11.33 8.92
CA VAL A 364 -12.47 -10.15 8.05
C VAL A 364 -13.74 -10.08 7.20
N GLY A 365 -14.23 -11.22 6.76
CA GLY A 365 -15.52 -11.21 6.04
C GLY A 365 -16.63 -10.57 6.79
N ALA A 366 -16.74 -10.90 8.08
CA ALA A 366 -17.73 -10.27 8.92
C ALA A 366 -17.52 -8.75 9.03
N ALA A 367 -16.25 -8.32 9.13
CA ALA A 367 -15.93 -6.92 9.19
C ALA A 367 -16.42 -6.23 7.89
N ARG A 368 -16.33 -6.91 6.75
CA ARG A 368 -16.79 -6.28 5.51
C ARG A 368 -18.29 -6.04 5.50
N ARG A 369 -19.03 -6.77 6.30
CA ARG A 369 -20.47 -6.62 6.44
C ARG A 369 -20.90 -5.56 7.45
N LEU A 370 -19.97 -4.99 8.20
CA LEU A 370 -20.30 -3.89 9.06
C LEU A 370 -20.79 -2.69 8.30
N ASN A 371 -21.73 -1.95 8.88
CA ASN A 371 -22.11 -0.64 8.38
C ASN A 371 -21.35 0.50 9.02
N THR A 372 -21.34 1.63 8.32
CA THR A 372 -20.65 2.84 8.74
C THR A 372 -21.61 4.01 8.68
N LYS A 373 -21.20 5.09 9.32
CA LYS A 373 -21.98 6.33 9.33
C LYS A 373 -20.96 7.44 9.18
N LEU A 374 -21.22 8.38 8.28
CA LEU A 374 -20.35 9.58 8.28
C LEU A 374 -20.74 10.56 9.39
N GLY A 375 -19.73 11.18 9.98
CA GLY A 375 -19.94 12.11 11.11
C GLY A 375 -19.20 13.42 10.83
N VAL A 376 -18.86 14.13 11.92
CA VAL A 376 -18.09 15.42 11.92
C VAL A 376 -16.61 15.19 12.22
N1 FMN B . 3.86 3.96 -4.85
C2 FMN B . 4.17 3.26 -5.96
O2 FMN B . 3.34 2.63 -6.62
N3 FMN B . 5.50 3.19 -6.29
C4 FMN B . 6.48 3.85 -5.64
O4 FMN B . 7.71 3.75 -6.02
C4A FMN B . 6.19 4.61 -4.49
N5 FMN B . 7.11 5.30 -3.75
C5A FMN B . 6.75 5.98 -2.67
C6 FMN B . 7.66 6.69 -1.92
C7 FMN B . 7.27 7.33 -0.77
C7M FMN B . 8.31 8.05 0.09
C8 FMN B . 5.88 7.37 -0.31
C8M FMN B . 5.45 8.04 0.96
C9 FMN B . 4.95 6.70 -1.07
C9A FMN B . 5.32 6.03 -2.22
N10 FMN B . 4.39 5.34 -3.04
C10 FMN B . 4.75 4.64 -4.15
C1' FMN B . 2.96 5.42 -2.64
C2' FMN B . 2.57 4.34 -1.62
O2' FMN B . 2.64 3.07 -2.25
C3' FMN B . 1.17 4.53 -1.05
O3' FMN B . 0.23 4.62 -2.15
C4' FMN B . 1.07 5.70 -0.17
O4' FMN B . 2.26 5.95 0.62
C5' FMN B . -0.04 5.24 0.78
O5' FMN B . -0.28 6.10 1.71
P FMN B . 0.30 6.10 3.24
O1P FMN B . 1.78 6.43 3.05
O2P FMN B . -0.51 7.22 3.73
O3P FMN B . 0.07 4.83 4.02
OAE 9O0 C . 8.13 9.09 -4.78
CAG 9O0 C . 7.08 8.43 -5.26
OAF 9O0 C . 5.88 8.66 -4.93
CAH 9O0 C . 7.22 7.37 -6.24
CAD 9O0 C . 7.93 7.97 -7.42
FAB 9O0 C . 9.34 8.20 -6.85
FAI 9O0 C . 7.33 9.05 -7.84
FAA 9O0 C . 7.91 7.16 -8.36
OAC 9O0 C . 5.98 6.78 -6.68
#